data_4J48
#
_entry.id   4J48
#
_cell.length_a   74.805
_cell.length_b   74.805
_cell.length_c   109.123
_cell.angle_alpha   90.00
_cell.angle_beta   90.00
_cell.angle_gamma   90.00
#
_symmetry.space_group_name_H-M   'I 4 2 2'
#
loop_
_entity.id
_entity.type
_entity.pdbx_description
1 polymer 'E3 ubiquitin-protein ligase XIAP'
2 polymer 'PEPTIDE (ALA-MET-ARG-VAL)'
3 non-polymer 'ZINC ION'
4 non-polymer GLYCEROL
5 non-polymer 'SULFATE ION'
6 water water
#
loop_
_entity_poly.entity_id
_entity_poly.type
_entity_poly.pdbx_seq_one_letter_code
_entity_poly.pdbx_strand_id
1 'polypeptide(L)'
;GTIYPRNPAMYSEEARLKSFQNWPDYAHLTPRELASAGLYYTGIGDQVQCFACGGKLKNWEPGDRAWSEHRRHFPNCFFV
LGRNLN
;
A,C
2 'polypeptide(L)' AMRV B
#
# COMPACT_ATOMS: atom_id res chain seq x y z
N GLY A 1 7.83 -0.41 -12.18
CA GLY A 1 7.82 0.98 -11.57
C GLY A 1 8.04 0.99 -10.07
N THR A 2 7.43 1.95 -9.36
CA THR A 2 7.88 2.26 -8.00
C THR A 2 7.19 1.48 -6.86
N ILE A 3 6.12 0.78 -7.20
CA ILE A 3 5.36 -0.09 -6.28
C ILE A 3 5.23 -1.46 -6.91
N TYR A 4 4.90 -2.48 -6.14
CA TYR A 4 4.85 -3.82 -6.68
C TYR A 4 3.88 -4.66 -5.82
N PRO A 5 2.92 -5.39 -6.43
CA PRO A 5 2.03 -6.15 -5.56
C PRO A 5 2.75 -7.32 -4.93
N ARG A 6 2.47 -7.52 -3.66
CA ARG A 6 2.90 -8.72 -3.00
C ARG A 6 2.47 -9.98 -3.80
N ASN A 7 1.27 -10.07 -4.35
CA ASN A 7 0.85 -11.27 -5.15
C ASN A 7 0.29 -10.91 -6.51
N PRO A 8 1.16 -10.89 -7.53
CA PRO A 8 0.79 -10.47 -8.87
C PRO A 8 -0.29 -11.32 -9.48
N ALA A 9 -0.34 -12.58 -9.08
CA ALA A 9 -1.37 -13.54 -9.53
C ALA A 9 -2.78 -13.06 -9.19
N MET A 10 -2.94 -12.54 -7.98
CA MET A 10 -4.27 -12.12 -7.51
C MET A 10 -4.62 -10.67 -7.81
N TYR A 11 -3.90 -10.13 -8.76
CA TYR A 11 -4.07 -8.78 -9.30
C TYR A 11 -5.45 -8.61 -9.94
N SER A 12 -5.94 -9.70 -10.53
CA SER A 12 -7.23 -9.70 -11.18
C SER A 12 -8.35 -9.96 -10.16
N GLU A 13 -9.38 -9.10 -10.21
CA GLU A 13 -10.51 -9.25 -9.31
C GLU A 13 -11.16 -10.60 -9.51
N GLU A 14 -11.25 -11.04 -10.76
CA GLU A 14 -11.80 -12.38 -11.07
C GLU A 14 -11.04 -13.51 -10.38
N ALA A 15 -9.72 -13.45 -10.42
CA ALA A 15 -8.89 -14.43 -9.78
C ALA A 15 -9.05 -14.38 -8.28
N ARG A 16 -9.17 -13.19 -7.70
CA ARG A 16 -9.43 -13.09 -6.26
C ARG A 16 -10.78 -13.73 -5.92
N LEU A 17 -11.79 -13.44 -6.70
CA LEU A 17 -13.11 -14.07 -6.52
C LEU A 17 -13.03 -15.57 -6.48
N LYS A 18 -12.36 -16.18 -7.47
CA LYS A 18 -12.33 -17.66 -7.54
C LYS A 18 -11.64 -18.31 -6.33
N SER A 19 -10.65 -17.61 -5.72
CA SER A 19 -9.99 -18.12 -4.50
C SER A 19 -10.97 -18.44 -3.37
N PHE A 20 -12.21 -17.91 -3.42
CA PHE A 20 -13.21 -18.10 -2.36
C PHE A 20 -14.08 -19.36 -2.55
N GLN A 21 -13.68 -20.24 -3.46
CA GLN A 21 -14.36 -21.51 -3.73
C GLN A 21 -14.75 -22.24 -2.43
N ASN A 22 -13.77 -22.37 -1.53
CA ASN A 22 -14.01 -23.09 -0.27
C ASN A 22 -14.10 -22.14 0.95
N TRP A 23 -14.44 -20.85 0.73
CA TRP A 23 -14.83 -19.89 1.81
C TRP A 23 -15.85 -20.59 2.74
N PRO A 24 -15.58 -20.69 4.06
CA PRO A 24 -16.44 -21.44 4.95
C PRO A 24 -17.75 -20.74 5.18
N ASP A 25 -18.73 -21.55 5.50
CA ASP A 25 -20.11 -21.17 5.58
C ASP A 25 -20.41 -20.30 6.79
N TYR A 26 -19.54 -20.31 7.81
CA TYR A 26 -19.73 -19.39 8.95
C TYR A 26 -19.20 -17.97 8.63
N ALA A 27 -18.52 -17.80 7.51
CA ALA A 27 -17.91 -16.53 7.23
C ALA A 27 -18.96 -15.64 6.52
N HIS A 28 -19.40 -14.57 7.22
CA HIS A 28 -20.56 -13.82 6.74
C HIS A 28 -20.25 -12.88 5.60
N LEU A 29 -19.02 -12.36 5.49
CA LEU A 29 -18.72 -11.45 4.37
C LEU A 29 -18.72 -12.21 3.04
N THR A 30 -19.15 -11.51 1.99
CA THR A 30 -19.25 -12.12 0.64
C THR A 30 -17.91 -12.05 -0.05
N PRO A 31 -17.55 -13.10 -0.80
CA PRO A 31 -16.48 -13.08 -1.71
C PRO A 31 -16.50 -11.86 -2.65
N ARG A 32 -17.68 -11.45 -3.07
CA ARG A 32 -17.80 -10.22 -3.88
C ARG A 32 -17.22 -8.98 -3.19
N GLU A 33 -17.69 -8.72 -1.99
CA GLU A 33 -17.17 -7.59 -1.24
C GLU A 33 -15.68 -7.69 -0.94
N LEU A 34 -15.21 -8.88 -0.52
CA LEU A 34 -13.80 -9.07 -0.17
C LEU A 34 -12.87 -8.89 -1.35
N ALA A 35 -13.19 -9.52 -2.47
CA ALA A 35 -12.41 -9.42 -3.71
C ALA A 35 -12.38 -8.03 -4.25
N SER A 36 -13.50 -7.35 -4.15
CA SER A 36 -13.53 -5.97 -4.57
C SER A 36 -12.65 -5.08 -3.73
N ALA A 37 -12.40 -5.46 -2.47
CA ALA A 37 -11.48 -4.68 -1.61
C ALA A 37 -10.00 -5.12 -1.73
N GLY A 38 -9.68 -5.96 -2.71
CA GLY A 38 -8.27 -6.34 -2.94
C GLY A 38 -7.91 -7.63 -2.21
N LEU A 39 -8.89 -8.27 -1.56
CA LEU A 39 -8.65 -9.44 -0.72
C LEU A 39 -8.95 -10.76 -1.42
N TYR A 40 -8.12 -11.75 -1.18
CA TYR A 40 -8.42 -13.11 -1.61
C TYR A 40 -8.23 -14.10 -0.43
N TYR A 41 -8.81 -15.28 -0.55
CA TYR A 41 -8.80 -16.31 0.51
C TYR A 41 -7.49 -17.04 0.58
N THR A 42 -6.95 -17.19 1.78
CA THR A 42 -5.69 -17.95 1.96
C THR A 42 -5.91 -19.47 1.99
N GLY A 43 -7.14 -19.90 2.06
CA GLY A 43 -7.47 -21.29 2.23
C GLY A 43 -7.49 -21.74 3.69
N ILE A 44 -7.22 -20.85 4.66
CA ILE A 44 -7.16 -21.19 6.10
C ILE A 44 -8.24 -20.37 6.87
N GLY A 45 -9.18 -21.05 7.55
CA GLY A 45 -10.27 -20.40 8.35
C GLY A 45 -11.01 -19.28 7.58
N ASP A 46 -11.08 -18.09 8.14
CA ASP A 46 -11.69 -16.97 7.44
C ASP A 46 -10.62 -15.92 7.16
N GLN A 47 -9.38 -16.39 6.91
CA GLN A 47 -8.25 -15.55 6.74
C GLN A 47 -8.08 -15.16 5.24
N VAL A 48 -8.05 -13.86 5.03
CA VAL A 48 -7.85 -13.31 3.67
C VAL A 48 -6.55 -12.48 3.55
N GLN A 49 -6.12 -12.24 2.31
CA GLN A 49 -4.89 -11.48 2.08
C GLN A 49 -5.08 -10.48 0.98
N CYS A 50 -4.47 -9.32 1.17
CA CYS A 50 -4.44 -8.28 0.14
C CYS A 50 -3.37 -8.60 -0.91
N PHE A 51 -3.76 -8.62 -2.18
CA PHE A 51 -2.80 -8.83 -3.28
C PHE A 51 -1.72 -7.75 -3.34
N ALA A 52 -2.05 -6.55 -2.88
CA ALA A 52 -1.28 -5.34 -3.14
C ALA A 52 -0.28 -5.20 -2.01
N CYS A 53 -0.80 -4.97 -0.82
CA CYS A 53 0.07 -4.82 0.36
C CYS A 53 0.56 -6.12 1.02
N GLY A 54 -0.21 -7.21 0.84
CA GLY A 54 0.09 -8.50 1.47
C GLY A 54 -0.45 -8.60 2.88
N GLY A 55 -1.20 -7.60 3.28
CA GLY A 55 -1.72 -7.64 4.63
C GLY A 55 -2.72 -8.79 4.73
N LYS A 56 -2.85 -9.31 5.95
CA LYS A 56 -3.72 -10.44 6.23
C LYS A 56 -4.68 -10.15 7.37
N LEU A 57 -5.92 -10.64 7.22
CA LEU A 57 -6.95 -10.35 8.19
C LEU A 57 -7.77 -11.61 8.43
N LYS A 58 -8.25 -11.78 9.67
CA LYS A 58 -9.11 -12.94 10.03
C LYS A 58 -10.09 -12.51 11.12
N ASN A 59 -10.89 -13.47 11.55
CA ASN A 59 -11.83 -13.31 12.62
C ASN A 59 -12.72 -12.10 12.33
N TRP A 60 -13.38 -12.14 11.19
CA TRP A 60 -14.28 -11.07 10.81
C TRP A 60 -15.44 -10.97 11.82
N GLU A 61 -15.99 -9.79 11.97
CA GLU A 61 -16.86 -9.41 13.07
C GLU A 61 -18.16 -8.95 12.43
N PRO A 62 -19.32 -9.17 13.10
CA PRO A 62 -20.59 -8.67 12.52
C PRO A 62 -20.48 -7.15 12.30
N GLY A 63 -20.84 -6.68 11.11
CA GLY A 63 -20.78 -5.25 10.82
C GLY A 63 -19.46 -4.80 10.24
N ASP A 64 -18.52 -5.72 10.05
CA ASP A 64 -17.20 -5.36 9.48
C ASP A 64 -17.50 -5.19 7.99
N ARG A 65 -16.80 -4.25 7.38
CA ARG A 65 -16.78 -4.05 5.96
C ARG A 65 -15.36 -4.37 5.48
N ALA A 66 -15.20 -5.01 4.33
CA ALA A 66 -13.83 -5.31 3.86
C ALA A 66 -12.96 -4.09 3.62
N TRP A 67 -13.53 -3.07 2.98
CA TRP A 67 -12.74 -1.89 2.73
C TRP A 67 -12.24 -1.23 4.02
N SER A 68 -13.12 -1.09 5.01
CA SER A 68 -12.77 -0.30 6.18
C SER A 68 -11.84 -1.09 7.08
N GLU A 69 -12.01 -2.40 7.15
CA GLU A 69 -11.00 -3.24 7.84
C GLU A 69 -9.65 -3.26 7.14
N HIS A 70 -9.65 -3.32 5.81
CA HIS A 70 -8.44 -3.18 4.99
C HIS A 70 -7.71 -1.85 5.28
N ARG A 71 -8.44 -0.76 5.17
CA ARG A 71 -7.93 0.58 5.33
C ARG A 71 -7.42 0.85 6.74
N ARG A 72 -8.19 0.44 7.72
CA ARG A 72 -7.83 0.78 9.10
C ARG A 72 -6.62 -0.05 9.62
N HIS A 73 -6.43 -1.25 9.10
CA HIS A 73 -5.27 -2.07 9.46
C HIS A 73 -4.05 -1.78 8.61
N PHE A 74 -4.26 -1.55 7.32
CA PHE A 74 -3.17 -1.28 6.35
C PHE A 74 -3.42 0.01 5.55
N PRO A 75 -3.38 1.17 6.23
CA PRO A 75 -3.69 2.47 5.60
C PRO A 75 -2.80 3.01 4.45
N ASN A 76 -1.59 2.46 4.37
CA ASN A 76 -0.59 2.91 3.45
C ASN A 76 -0.50 1.96 2.27
N CYS A 77 -1.52 1.06 2.13
CA CYS A 77 -1.63 0.18 0.97
C CYS A 77 -1.92 0.95 -0.32
N PHE A 78 -1.23 0.62 -1.40
CA PHE A 78 -1.43 1.35 -2.67
C PHE A 78 -2.82 1.14 -3.23
N PHE A 79 -3.41 -0.02 -2.93
CA PHE A 79 -4.76 -0.29 -3.38
C PHE A 79 -5.82 0.53 -2.64
N VAL A 80 -5.69 0.55 -1.32
CA VAL A 80 -6.41 1.46 -0.44
C VAL A 80 -6.22 2.91 -0.86
N LEU A 81 -4.98 3.33 -1.10
CA LEU A 81 -4.72 4.73 -1.42
C LEU A 81 -5.03 5.09 -2.87
N GLY A 82 -5.40 4.08 -3.67
CA GLY A 82 -5.70 4.28 -5.07
C GLY A 82 -7.17 4.22 -5.41
N ARG A 83 -8.02 3.84 -4.46
CA ARG A 83 -9.50 3.73 -4.69
C ARG A 83 -10.24 5.10 -4.65
N ASN A 84 -11.59 5.14 -4.65
CA ASN A 84 -12.29 6.44 -4.78
C ASN A 84 -13.71 6.54 -4.26
N ALA B 9 7.63 14.26 13.53
CA ALA B 9 9.10 14.39 13.27
C ALA B 9 9.31 14.58 11.75
N MET B 10 8.89 13.57 10.99
CA MET B 10 9.04 13.59 9.54
C MET B 10 8.12 14.56 8.78
N TYR B 11 7.47 15.44 9.52
CA TYR B 11 6.73 16.60 8.98
C TYR B 11 7.66 17.66 8.47
N SER B 12 8.83 17.75 9.10
CA SER B 12 9.86 18.70 8.77
C SER B 12 10.57 18.23 7.52
N GLU B 13 10.57 19.05 6.49
CA GLU B 13 11.33 18.74 5.30
C GLU B 13 12.83 18.59 5.59
N GLU B 14 13.38 19.39 6.49
CA GLU B 14 14.79 19.24 6.85
C GLU B 14 15.07 17.91 7.51
N ALA B 15 14.10 17.38 8.23
CA ALA B 15 14.29 16.11 8.94
C ALA B 15 14.13 14.92 8.00
N ARG B 16 13.34 15.11 6.94
CA ARG B 16 13.29 14.15 5.81
C ARG B 16 14.60 14.15 5.04
N LEU B 17 15.16 15.35 4.81
CA LEU B 17 16.49 15.45 4.23
C LEU B 17 17.48 14.64 5.04
N LYS B 18 17.44 14.76 6.37
CA LYS B 18 18.44 14.09 7.22
C LYS B 18 18.40 12.56 7.16
N SER B 19 17.21 12.03 6.94
CA SER B 19 17.01 10.62 6.71
C SER B 19 17.84 10.03 5.54
N PHE B 20 18.20 10.85 4.55
CA PHE B 20 18.94 10.40 3.38
C PHE B 20 20.44 10.29 3.59
N GLN B 21 20.85 10.10 4.83
CA GLN B 21 22.19 9.60 5.07
C GLN B 21 22.24 8.12 4.66
N ASN B 22 23.31 7.74 3.99
CA ASN B 22 23.44 6.41 3.43
C ASN B 22 22.56 6.19 2.19
N TRP B 23 21.94 7.23 1.63
CA TRP B 23 21.22 7.11 0.34
C TRP B 23 22.23 6.56 -0.73
N PRO B 24 21.86 5.54 -1.50
CA PRO B 24 22.93 4.97 -2.29
C PRO B 24 23.37 5.89 -3.44
N ASP B 25 24.62 5.81 -3.82
CA ASP B 25 25.16 6.71 -4.83
C ASP B 25 24.50 6.51 -6.17
N TYR B 26 24.02 5.28 -6.44
CA TYR B 26 23.47 5.01 -7.76
C TYR B 26 22.10 5.62 -7.95
N ALA B 27 21.43 6.01 -6.85
CA ALA B 27 20.01 6.24 -6.95
C ALA B 27 19.70 7.40 -7.88
N HIS B 28 18.60 7.29 -8.61
CA HIS B 28 18.41 8.19 -9.75
C HIS B 28 17.78 9.56 -9.36
N LEU B 29 17.31 9.68 -8.10
CA LEU B 29 16.79 10.91 -7.50
C LEU B 29 17.62 11.40 -6.31
N THR B 30 17.59 12.72 -6.08
CA THR B 30 18.24 13.39 -4.94
C THR B 30 17.32 13.47 -3.71
N PRO B 31 17.92 13.43 -2.52
CA PRO B 31 17.19 13.57 -1.25
C PRO B 31 16.27 14.80 -1.26
N ARG B 32 16.78 15.89 -1.80
CA ARG B 32 16.05 17.15 -1.83
C ARG B 32 14.78 17.03 -2.70
N GLU B 33 14.86 16.36 -3.84
CA GLU B 33 13.65 16.20 -4.67
C GLU B 33 12.66 15.25 -3.94
N LEU B 34 13.19 14.21 -3.31
CA LEU B 34 12.34 13.26 -2.56
C LEU B 34 11.71 13.86 -1.29
N ALA B 35 12.55 14.36 -0.37
CA ALA B 35 12.09 15.18 0.83
C ALA B 35 11.09 16.26 0.43
N SER B 36 11.25 16.89 -0.72
CA SER B 36 10.28 17.89 -1.15
C SER B 36 8.89 17.34 -1.52
N ALA B 37 8.86 16.16 -2.13
CA ALA B 37 7.63 15.47 -2.45
C ALA B 37 7.02 14.68 -1.29
N GLY B 38 7.49 14.92 -0.07
CA GLY B 38 6.95 14.28 1.15
C GLY B 38 7.67 13.02 1.63
N LEU B 39 8.78 12.64 0.98
CA LEU B 39 9.31 11.30 1.09
C LEU B 39 10.59 11.30 1.94
N TYR B 40 10.70 10.27 2.76
CA TYR B 40 11.94 10.04 3.51
C TYR B 40 12.50 8.62 3.33
N TYR B 41 13.77 8.43 3.65
CA TYR B 41 14.46 7.17 3.38
C TYR B 41 14.20 6.17 4.49
N THR B 42 13.87 4.94 4.10
CA THR B 42 13.60 3.85 5.07
C THR B 42 14.88 3.17 5.61
N GLY B 43 16.00 3.49 4.93
CA GLY B 43 17.33 2.99 5.25
C GLY B 43 17.80 1.79 4.45
N ILE B 44 16.94 1.21 3.60
CA ILE B 44 17.32 0.08 2.74
C ILE B 44 17.11 0.37 1.27
N GLY B 45 18.06 -0.09 0.46
CA GLY B 45 18.00 0.08 -1.00
C GLY B 45 17.76 1.51 -1.37
N ASP B 46 16.82 1.74 -2.28
CA ASP B 46 16.42 3.13 -2.64
C ASP B 46 14.98 3.43 -2.21
N GLN B 47 14.56 2.79 -1.11
CA GLN B 47 13.19 2.85 -0.68
C GLN B 47 12.94 4.04 0.19
N VAL B 48 11.84 4.73 -0.15
CA VAL B 48 11.39 5.94 0.52
C VAL B 48 9.92 5.81 0.90
N GLN B 49 9.47 6.70 1.77
CA GLN B 49 8.13 6.63 2.37
C GLN B 49 7.54 8.00 2.60
N CYS B 50 6.24 8.14 2.44
CA CYS B 50 5.59 9.45 2.60
C CYS B 50 5.23 9.70 4.05
N PHE B 51 5.58 10.89 4.58
CA PHE B 51 5.21 11.21 5.98
C PHE B 51 3.72 11.29 6.18
N ALA B 52 2.96 11.44 5.10
CA ALA B 52 1.50 11.72 5.22
C ALA B 52 0.70 10.47 4.96
N CYS B 53 1.00 9.71 3.91
CA CYS B 53 0.15 8.54 3.63
C CYS B 53 0.87 7.24 4.02
N GLY B 54 2.19 7.31 4.27
CA GLY B 54 2.93 6.12 4.65
C GLY B 54 3.30 5.23 3.49
N GLY B 55 3.01 5.67 2.28
CA GLY B 55 3.16 4.84 1.15
C GLY B 55 4.61 4.76 0.81
N LYS B 56 5.05 3.57 0.38
CA LYS B 56 6.45 3.26 0.09
C LYS B 56 6.71 3.26 -1.42
N LEU B 57 7.86 3.81 -1.82
CA LEU B 57 8.28 3.79 -3.24
C LEU B 57 9.72 3.31 -3.34
N LYS B 58 10.07 2.52 -4.38
CA LYS B 58 11.44 2.02 -4.58
C LYS B 58 11.66 1.58 -6.03
N ASN B 59 12.90 1.21 -6.35
CA ASN B 59 13.31 0.88 -7.71
C ASN B 59 13.09 2.05 -8.64
N TRP B 60 13.65 3.18 -8.25
CA TRP B 60 13.54 4.38 -9.04
C TRP B 60 14.35 4.20 -10.33
N GLU B 61 13.75 4.51 -11.47
CA GLU B 61 14.44 4.46 -12.77
C GLU B 61 14.77 5.87 -13.24
N PRO B 62 15.77 5.98 -14.15
CA PRO B 62 16.19 7.28 -14.71
C PRO B 62 14.99 8.02 -15.30
N GLY B 63 14.92 9.35 -15.10
CA GLY B 63 13.83 10.16 -15.64
C GLY B 63 12.58 10.22 -14.75
N ASP B 64 12.47 9.32 -13.77
CA ASP B 64 11.37 9.37 -12.82
C ASP B 64 11.40 10.69 -12.07
N ARG B 65 10.22 11.24 -11.75
CA ARG B 65 10.11 12.40 -10.85
C ARG B 65 9.40 11.99 -9.58
N ALA B 66 9.80 12.51 -8.42
CA ALA B 66 9.27 11.96 -7.15
C ALA B 66 7.79 12.31 -6.97
N TRP B 67 7.40 13.54 -7.32
CA TRP B 67 5.97 13.91 -7.18
C TRP B 67 5.11 13.08 -8.11
N SER B 68 5.58 12.93 -9.32
CA SER B 68 4.84 12.18 -10.31
C SER B 68 4.53 10.73 -9.86
N GLU B 69 5.53 10.04 -9.33
CA GLU B 69 5.35 8.67 -8.82
C GLU B 69 4.50 8.64 -7.52
N HIS B 70 4.72 9.61 -6.64
CA HIS B 70 3.91 9.71 -5.42
C HIS B 70 2.39 9.79 -5.78
N ARG B 71 2.07 10.69 -6.68
CA ARG B 71 0.68 10.90 -7.04
C ARG B 71 0.09 9.75 -7.84
N ARG B 72 0.88 9.17 -8.70
CA ARG B 72 0.43 8.07 -9.53
C ARG B 72 0.01 6.88 -8.67
N HIS B 73 0.79 6.62 -7.63
CA HIS B 73 0.58 5.43 -6.77
C HIS B 73 -0.25 5.58 -5.49
N PHE B 74 -0.33 6.81 -4.98
CA PHE B 74 -1.02 7.12 -3.76
C PHE B 74 -1.80 8.39 -4.03
N PRO B 75 -2.74 8.32 -5.00
CA PRO B 75 -3.56 9.49 -5.33
C PRO B 75 -4.39 10.05 -4.20
N ASN B 76 -4.84 9.19 -3.27
CA ASN B 76 -5.62 9.67 -2.13
C ASN B 76 -4.77 10.16 -0.95
N CYS B 77 -3.44 10.17 -1.09
CA CYS B 77 -2.61 10.86 -0.09
C CYS B 77 -3.13 12.26 0.09
N PHE B 78 -3.36 12.70 1.33
CA PHE B 78 -3.88 14.04 1.62
C PHE B 78 -2.87 15.12 1.16
N PHE B 79 -1.59 14.79 1.33
CA PHE B 79 -0.46 15.63 0.85
C PHE B 79 -0.45 15.83 -0.66
N VAL B 80 -0.50 14.74 -1.40
CA VAL B 80 -0.67 14.80 -2.82
C VAL B 80 -1.94 15.56 -3.19
N LEU B 81 -3.08 15.25 -2.59
CA LEU B 81 -4.34 15.98 -2.99
C LEU B 81 -4.27 17.48 -2.78
N GLY B 82 -3.44 17.90 -1.83
CA GLY B 82 -3.24 19.33 -1.59
C GLY B 82 -2.34 19.97 -2.64
N ARG B 83 -1.24 19.30 -2.93
CA ARG B 83 -0.32 19.72 -4.00
C ARG B 83 -1.08 19.85 -5.30
N ASN B 84 -2.00 18.93 -5.57
CA ASN B 84 -2.90 19.09 -6.69
C ASN B 84 -3.66 20.35 -6.52
N ALA C 1 -12.30 -7.15 12.20
CA ALA C 1 -11.37 -8.24 11.86
C ALA C 1 -10.03 -7.92 12.56
N MET C 2 -9.18 -8.92 12.62
CA MET C 2 -7.91 -8.73 13.28
C MET C 2 -6.76 -9.23 12.41
N ARG C 3 -5.59 -8.67 12.67
CA ARG C 3 -4.39 -9.22 12.10
C ARG C 3 -4.08 -10.59 12.61
N VAL C 4 -3.45 -11.33 11.72
CA VAL C 4 -3.10 -12.69 11.91
C VAL C 4 -1.80 -12.74 12.69
#